data_9INU
#
_entry.id   9INU
#
_cell.length_a   32.096
_cell.length_b   83.603
_cell.length_c   96.838
_cell.angle_alpha   90.00
_cell.angle_beta   90.00
_cell.angle_gamma   90.00
#
_symmetry.space_group_name_H-M   'P 2 21 21'
#
loop_
_entity.id
_entity.type
_entity.pdbx_description
1 polymer 'Programmed cell death 1 ligand 1'
2 non-polymer '(2~{S})-2-[[6-methoxy-2-[(2-methyl-3-phenyl-phenyl)amino]pyrimidin-4-yl]methylamino]-3-oxidanyl-propanoic acid'
3 water water
#
_entity_poly.entity_id   1
_entity_poly.type   'polypeptide(L)'
_entity_poly.pdbx_seq_one_letter_code
;AFTVTVPKDLYVVEYGSNMTIECKFPVEKQLDLAALIVYWEMEDKNIIQFVHGEEDLKVQHSSYRQRARLLKDQLSLGNA
ALQITDVKLQDAGVYRCMISYGGADYKRITVKVNAPYAAALEHHHHHH
;
_entity_poly.pdbx_strand_id   A,B
#
# COMPACT_ATOMS: atom_id res chain seq x y z
N ALA A 1 -3.00 -11.58 14.55
CA ALA A 1 -1.92 -10.61 14.48
C ALA A 1 -2.47 -9.19 14.43
N PHE A 2 -1.61 -8.24 14.07
CA PHE A 2 -2.01 -6.85 13.95
C PHE A 2 -2.77 -6.65 12.65
N THR A 3 -4.04 -6.24 12.77
CA THR A 3 -4.91 -6.03 11.61
C THR A 3 -5.57 -4.67 11.74
N VAL A 4 -5.52 -3.89 10.66
CA VAL A 4 -6.22 -2.61 10.60
C VAL A 4 -7.65 -2.87 10.12
N THR A 5 -8.61 -2.21 10.77
CA THR A 5 -10.02 -2.40 10.50
C THR A 5 -10.62 -1.08 10.04
N VAL A 6 -11.41 -1.13 8.98
CA VAL A 6 -12.09 0.04 8.42
C VAL A 6 -13.57 -0.11 8.69
N PRO A 7 -14.22 0.82 9.40
CA PRO A 7 -15.67 0.72 9.63
C PRO A 7 -16.52 1.01 8.41
N LYS A 8 -15.95 1.64 7.38
CA LYS A 8 -16.72 2.01 6.19
C LYS A 8 -15.76 2.04 5.02
N ASP A 9 -15.99 1.17 4.04
CA ASP A 9 -15.09 1.04 2.90
C ASP A 9 -15.43 1.99 1.76
N LEU A 10 -16.58 2.65 1.80
CA LEU A 10 -16.96 3.59 0.75
C LEU A 10 -17.59 4.81 1.40
N TYR A 11 -17.13 5.99 0.99
CA TYR A 11 -17.70 7.25 1.42
C TYR A 11 -18.29 7.96 0.21
N VAL A 12 -19.49 8.51 0.38
CA VAL A 12 -20.14 9.29 -0.67
C VAL A 12 -20.36 10.68 -0.10
N VAL A 13 -19.64 11.65 -0.66
CA VAL A 13 -19.63 13.01 -0.15
C VAL A 13 -20.00 13.97 -1.27
N GLU A 14 -20.52 15.13 -0.89
CA GLU A 14 -20.93 16.15 -1.84
C GLU A 14 -19.79 17.13 -2.08
N TYR A 15 -19.82 17.75 -3.26
CA TYR A 15 -18.80 18.73 -3.62
C TYR A 15 -18.77 19.87 -2.61
N GLY A 16 -17.56 20.26 -2.21
CA GLY A 16 -17.36 21.35 -1.28
C GLY A 16 -17.55 20.98 0.18
N SER A 17 -18.07 19.80 0.49
CA SER A 17 -18.28 19.41 1.87
C SER A 17 -16.98 18.93 2.50
N ASN A 18 -17.03 18.62 3.79
CA ASN A 18 -15.91 18.07 4.54
C ASN A 18 -16.18 16.61 4.86
N MET A 19 -15.16 15.78 4.70
CA MET A 19 -15.27 14.36 4.97
C MET A 19 -14.14 13.91 5.89
N THR A 20 -14.49 13.05 6.85
CA THR A 20 -13.52 12.44 7.76
C THR A 20 -13.59 10.94 7.56
N ILE A 21 -12.50 10.35 7.10
CA ILE A 21 -12.42 8.92 6.82
C ILE A 21 -11.64 8.23 7.93
N GLU A 22 -12.10 7.03 8.31
CA GLU A 22 -11.67 6.35 9.51
C GLU A 22 -11.12 4.97 9.19
N CYS A 23 -9.89 4.69 9.63
CA CYS A 23 -9.44 3.32 9.80
C CYS A 23 -8.86 3.17 11.21
N LYS A 24 -9.01 1.97 11.77
CA LYS A 24 -8.75 1.72 13.18
C LYS A 24 -7.69 0.65 13.34
N PHE A 25 -6.86 0.82 14.37
CA PHE A 25 -5.79 -0.11 14.70
C PHE A 25 -5.85 -0.45 16.19
N PRO A 26 -5.42 -1.66 16.56
CA PRO A 26 -5.54 -2.08 17.98
C PRO A 26 -4.49 -1.39 18.85
N VAL A 27 -4.96 -0.80 19.94
CA VAL A 27 -4.13 -0.15 20.94
C VAL A 27 -4.24 -0.93 22.25
N GLU A 28 -3.10 -1.18 22.89
CA GLU A 28 -3.07 -2.06 24.06
C GLU A 28 -3.44 -1.30 25.34
N LYS A 29 -2.59 -0.37 25.76
CA LYS A 29 -2.90 0.44 26.94
C LYS A 29 -2.81 1.93 26.60
N GLN A 30 -1.60 2.45 26.40
CA GLN A 30 -1.38 3.80 25.93
C GLN A 30 -0.81 3.72 24.52
N LEU A 31 -0.28 4.85 24.04
CA LEU A 31 0.32 4.92 22.71
C LEU A 31 1.82 5.10 22.86
N ASP A 32 2.58 4.14 22.32
CA ASP A 32 4.00 4.33 22.07
C ASP A 32 4.17 5.10 20.77
N LEU A 33 3.99 6.42 20.87
CA LEU A 33 4.08 7.30 19.70
C LEU A 33 5.43 7.22 19.00
N ALA A 34 6.47 6.76 19.68
CA ALA A 34 7.75 6.56 19.03
C ALA A 34 7.77 5.36 18.09
N ALA A 35 6.71 4.56 18.09
CA ALA A 35 6.59 3.42 17.20
C ALA A 35 5.41 3.49 16.25
N LEU A 36 4.53 4.48 16.41
CA LEU A 36 3.38 4.64 15.53
C LEU A 36 3.80 5.22 14.19
N ILE A 37 3.42 4.55 13.11
CA ILE A 37 3.67 5.02 11.75
C ILE A 37 2.35 4.98 11.00
N VAL A 38 1.87 6.14 10.58
CA VAL A 38 0.61 6.25 9.83
C VAL A 38 0.93 6.90 8.48
N TYR A 39 0.61 6.21 7.40
CA TYR A 39 0.76 6.75 6.05
C TYR A 39 -0.61 6.78 5.38
N TRP A 40 -1.06 7.98 5.03
CA TRP A 40 -2.29 8.18 4.29
C TRP A 40 -1.96 8.60 2.86
N GLU A 41 -2.47 7.85 1.87
CA GLU A 41 -2.24 8.18 0.48
C GLU A 41 -3.50 7.92 -0.32
N MET A 42 -3.59 8.56 -1.48
CA MET A 42 -4.60 8.27 -2.48
C MET A 42 -3.97 8.41 -3.86
N GLU A 43 -4.02 7.33 -4.65
CA GLU A 43 -3.49 7.29 -6.01
C GLU A 43 -2.05 7.82 -6.05
N ASP A 44 -1.18 7.04 -5.40
CA ASP A 44 0.27 7.28 -5.26
C ASP A 44 0.59 8.74 -4.93
N LYS A 45 -0.31 9.42 -4.23
CA LYS A 45 -0.12 10.80 -3.80
C LYS A 45 -0.25 10.86 -2.29
N ASN A 46 0.85 11.17 -1.61
CA ASN A 46 0.81 11.24 -0.16
C ASN A 46 -0.12 12.35 0.30
N ILE A 47 -0.85 12.07 1.37
CA ILE A 47 -1.72 13.05 2.01
C ILE A 47 -1.16 13.49 3.35
N ILE A 48 -0.72 12.53 4.18
CA ILE A 48 -0.21 12.80 5.52
C ILE A 48 0.76 11.70 5.89
N GLN A 49 1.88 12.08 6.52
CA GLN A 49 2.89 11.14 7.00
C GLN A 49 3.09 11.35 8.50
N PHE A 50 2.67 10.37 9.30
CA PHE A 50 2.84 10.42 10.75
C PHE A 50 3.96 9.47 11.16
N VAL A 51 5.10 10.02 11.47
CA VAL A 51 6.21 9.22 11.94
C VAL A 51 6.62 9.84 13.26
N HIS A 52 7.23 9.06 14.14
CA HIS A 52 7.58 9.56 15.45
C HIS A 52 6.34 10.16 16.06
N GLY A 53 6.43 11.36 16.62
CA GLY A 53 5.27 11.91 17.31
C GLY A 53 4.53 13.00 16.58
N GLU A 54 5.04 13.37 15.43
CA GLU A 54 4.43 14.44 14.65
C GLU A 54 4.27 14.03 13.19
N GLU A 55 3.76 14.95 12.39
CA GLU A 55 3.59 14.79 10.96
C GLU A 55 4.87 15.15 10.22
N ASP A 56 5.11 14.45 9.11
CA ASP A 56 6.23 14.73 8.21
C ASP A 56 5.65 15.33 6.94
N LEU A 57 5.48 16.65 6.93
CA LEU A 57 4.87 17.35 5.81
C LEU A 57 5.85 17.60 4.67
N LYS A 58 6.95 16.86 4.63
CA LYS A 58 7.92 17.01 3.55
C LYS A 58 7.54 16.32 2.25
N VAL A 59 6.61 15.38 2.28
CA VAL A 59 6.16 14.68 1.08
C VAL A 59 4.66 14.86 0.84
N GLN A 60 3.97 15.63 1.69
CA GLN A 60 2.56 15.87 1.51
C GLN A 60 2.32 16.64 0.21
N HIS A 61 1.35 16.18 -0.58
CA HIS A 61 1.01 16.83 -1.83
C HIS A 61 0.40 18.20 -1.59
N SER A 62 0.68 19.12 -2.53
CA SER A 62 0.16 20.49 -2.42
C SER A 62 -1.36 20.50 -2.39
N SER A 63 -2.01 19.66 -3.20
CA SER A 63 -3.47 19.63 -3.24
C SER A 63 -4.07 19.26 -1.89
N TYR A 64 -3.30 18.62 -1.00
CA TYR A 64 -3.79 18.21 0.30
C TYR A 64 -3.22 19.03 1.45
N ARG A 65 -2.24 19.90 1.18
CA ARG A 65 -1.84 20.89 2.16
C ARG A 65 -2.98 21.88 2.39
N GLN A 66 -3.09 22.34 3.64
CA GLN A 66 -4.14 23.22 4.15
C GLN A 66 -5.53 22.63 4.01
N ARG A 67 -5.66 21.38 3.57
CA ARG A 67 -6.93 20.68 3.49
C ARG A 67 -6.95 19.39 4.29
N ALA A 68 -5.80 18.75 4.48
CA ALA A 68 -5.71 17.45 5.12
C ALA A 68 -5.17 17.58 6.54
N ARG A 69 -5.79 16.86 7.47
CA ARG A 69 -5.31 16.79 8.84
C ARG A 69 -5.72 15.45 9.43
N LEU A 70 -4.78 14.80 10.13
CA LEU A 70 -5.10 13.59 10.88
C LEU A 70 -5.45 13.98 12.30
N LEU A 71 -6.53 13.42 12.82
CA LEU A 71 -6.97 13.74 14.17
C LEU A 71 -6.03 13.07 15.16
N LYS A 72 -5.09 13.86 15.70
CA LYS A 72 -4.11 13.31 16.63
C LYS A 72 -4.76 12.84 17.93
N ASP A 73 -5.85 13.50 18.34
CA ASP A 73 -6.54 13.06 19.55
C ASP A 73 -7.07 11.65 19.42
N GLN A 74 -7.53 11.29 18.21
CA GLN A 74 -8.08 9.96 17.98
C GLN A 74 -7.01 8.88 17.87
N LEU A 75 -5.73 9.26 17.69
CA LEU A 75 -4.68 8.23 17.62
C LEU A 75 -4.51 7.52 18.94
N SER A 76 -4.73 8.21 20.07
CA SER A 76 -4.72 7.56 21.37
C SER A 76 -5.73 6.42 21.42
N LEU A 77 -6.95 6.67 20.92
CA LEU A 77 -8.01 5.69 20.89
C LEU A 77 -7.89 4.72 19.72
N GLY A 78 -6.75 4.72 19.03
CA GLY A 78 -6.52 3.82 17.91
C GLY A 78 -7.39 4.09 16.70
N ASN A 79 -7.67 5.37 16.42
CA ASN A 79 -8.45 5.78 15.25
C ASN A 79 -7.59 6.73 14.43
N ALA A 80 -7.00 6.22 13.34
CA ALA A 80 -6.25 7.07 12.42
C ALA A 80 -7.26 7.69 11.46
N ALA A 81 -7.73 8.89 11.82
CA ALA A 81 -8.81 9.57 11.11
C ALA A 81 -8.25 10.74 10.34
N LEU A 82 -8.45 10.73 9.02
CA LEU A 82 -7.98 11.77 8.13
C LEU A 82 -9.17 12.65 7.72
N GLN A 83 -9.00 13.96 7.82
CA GLN A 83 -10.05 14.90 7.46
C GLN A 83 -9.59 15.72 6.26
N ILE A 84 -10.44 15.76 5.23
CA ILE A 84 -10.22 16.59 4.05
C ILE A 84 -11.35 17.59 3.99
N THR A 85 -11.00 18.88 3.98
CA THR A 85 -11.98 19.95 3.87
C THR A 85 -12.12 20.41 2.42
N ASP A 86 -13.34 20.78 2.05
CA ASP A 86 -13.68 21.19 0.69
C ASP A 86 -13.30 20.10 -0.32
N VAL A 87 -13.94 18.94 -0.16
CA VAL A 87 -13.79 17.85 -1.12
C VAL A 87 -14.16 18.32 -2.53
N LYS A 88 -13.28 18.05 -3.48
CA LYS A 88 -13.47 18.37 -4.89
C LYS A 88 -13.51 17.07 -5.70
N LEU A 89 -13.88 17.20 -6.98
CA LEU A 89 -14.05 16.03 -7.84
C LEU A 89 -12.81 15.16 -7.92
N GLN A 90 -11.62 15.75 -7.81
CA GLN A 90 -10.38 15.00 -7.90
C GLN A 90 -10.07 14.21 -6.64
N ASP A 91 -10.79 14.45 -5.55
CA ASP A 91 -10.61 13.68 -4.33
C ASP A 91 -11.33 12.34 -4.35
N ALA A 92 -11.91 11.96 -5.49
CA ALA A 92 -12.54 10.67 -5.64
C ALA A 92 -11.51 9.65 -6.12
N GLY A 93 -11.55 8.46 -5.54
CA GLY A 93 -10.61 7.41 -5.88
C GLY A 93 -10.40 6.49 -4.70
N VAL A 94 -9.30 5.74 -4.78
CA VAL A 94 -8.97 4.73 -3.78
C VAL A 94 -7.94 5.31 -2.82
N TYR A 95 -8.30 5.41 -1.55
CA TYR A 95 -7.39 5.84 -0.49
C TYR A 95 -6.79 4.63 0.19
N ARG A 96 -5.58 4.80 0.73
CA ARG A 96 -4.88 3.71 1.40
C ARG A 96 -4.29 4.22 2.71
N CYS A 97 -4.68 3.62 3.83
CA CYS A 97 -4.09 3.92 5.13
C CYS A 97 -3.24 2.74 5.57
N MET A 98 -1.97 3.02 5.86
CA MET A 98 -1.01 2.02 6.28
C MET A 98 -0.52 2.39 7.68
N ILE A 99 -0.67 1.46 8.62
CA ILE A 99 -0.36 1.71 10.02
C ILE A 99 0.65 0.69 10.50
N SER A 100 1.66 1.17 11.23
CA SER A 100 2.66 0.31 11.86
C SER A 100 2.73 0.66 13.35
N TYR A 101 2.29 -0.28 14.19
CA TYR A 101 2.26 -0.13 15.65
C TYR A 101 2.49 -1.53 16.23
N GLY A 102 3.76 -1.92 16.28
CA GLY A 102 4.13 -3.28 16.60
C GLY A 102 4.02 -4.14 15.36
N GLY A 103 2.80 -4.24 14.83
CA GLY A 103 2.55 -4.96 13.60
C GLY A 103 2.38 -4.00 12.44
N ALA A 104 1.90 -4.53 11.32
CA ALA A 104 1.69 -3.70 10.14
C ALA A 104 0.57 -4.28 9.30
N ASP A 105 -0.31 -3.40 8.83
CA ASP A 105 -1.39 -3.76 7.93
C ASP A 105 -1.88 -2.49 7.24
N TYR A 106 -2.69 -2.69 6.21
CA TYR A 106 -3.26 -1.56 5.47
C TYR A 106 -4.64 -1.94 4.97
N LYS A 107 -5.48 -0.92 4.76
CA LYS A 107 -6.82 -1.11 4.22
C LYS A 107 -7.10 0.03 3.25
N ARG A 108 -7.92 -0.27 2.24
CA ARG A 108 -8.25 0.69 1.20
C ARG A 108 -9.67 1.20 1.37
N ILE A 109 -9.86 2.47 1.03
CA ILE A 109 -11.18 3.12 1.09
C ILE A 109 -11.43 3.80 -0.24
N THR A 110 -12.65 3.67 -0.74
CA THR A 110 -13.06 4.27 -2.01
C THR A 110 -13.98 5.45 -1.72
N VAL A 111 -13.68 6.59 -2.33
CA VAL A 111 -14.45 7.81 -2.12
C VAL A 111 -15.14 8.18 -3.42
N LYS A 112 -16.46 8.37 -3.35
CA LYS A 112 -17.26 8.86 -4.46
C LYS A 112 -17.73 10.27 -4.15
N VAL A 113 -17.60 11.18 -5.11
CA VAL A 113 -17.90 12.58 -4.91
C VAL A 113 -19.00 12.97 -5.88
N ASN A 114 -20.20 13.26 -5.35
CA ASN A 114 -21.25 13.85 -6.15
C ASN A 114 -21.03 15.35 -6.27
N ALA A 115 -21.41 15.91 -7.41
CA ALA A 115 -21.13 17.32 -7.67
C ALA A 115 -22.15 17.87 -8.66
N PRO A 116 -22.46 19.15 -8.58
CA PRO A 116 -23.37 19.77 -9.57
C PRO A 116 -22.68 19.93 -10.92
N TYR A 117 -23.47 20.37 -11.89
CA TYR A 117 -22.99 20.50 -13.26
C TYR A 117 -21.85 21.50 -13.37
N ALA A 118 -21.94 22.63 -12.66
CA ALA A 118 -20.91 23.67 -12.76
C ALA A 118 -19.54 23.14 -12.37
N ALA A 119 -19.45 22.50 -11.19
CA ALA A 119 -18.17 21.95 -10.75
C ALA A 119 -17.69 20.84 -11.67
N ALA A 120 -18.62 20.06 -12.24
CA ALA A 120 -18.22 18.96 -13.12
C ALA A 120 -17.68 19.50 -14.44
N LEU A 121 -18.32 20.53 -14.98
CA LEU A 121 -17.79 21.19 -16.18
C LEU A 121 -16.39 21.70 -15.96
N GLU A 122 -16.10 22.17 -14.73
CA GLU A 122 -14.76 22.65 -14.41
C GLU A 122 -13.73 21.53 -14.50
N HIS A 123 -14.10 20.33 -14.02
CA HIS A 123 -13.18 19.20 -14.13
C HIS A 123 -13.03 18.75 -15.58
N HIS A 124 -14.08 18.88 -16.38
CA HIS A 124 -14.01 18.52 -17.79
C HIS A 124 -13.14 19.47 -18.60
N HIS A 125 -12.96 20.70 -18.13
CA HIS A 125 -12.03 21.67 -18.70
C HIS A 125 -12.51 22.12 -20.09
N ALA B 1 16.26 7.91 7.39
CA ALA B 1 15.27 7.04 8.02
C ALA B 1 15.18 5.69 7.31
N PHE B 2 14.11 4.96 7.60
CA PHE B 2 13.88 3.65 7.00
C PHE B 2 13.37 3.85 5.57
N THR B 3 14.14 3.37 4.59
CA THR B 3 13.79 3.50 3.18
C THR B 3 13.93 2.15 2.49
N VAL B 4 12.92 1.77 1.72
CA VAL B 4 12.97 0.57 0.88
C VAL B 4 13.60 0.95 -0.46
N THR B 5 14.48 0.09 -0.95
CA THR B 5 15.24 0.35 -2.17
C THR B 5 14.94 -0.72 -3.21
N VAL B 6 14.68 -0.29 -4.44
CA VAL B 6 14.43 -1.17 -5.57
C VAL B 6 15.61 -1.03 -6.55
N PRO B 7 16.31 -2.12 -6.88
CA PRO B 7 17.37 -2.01 -7.89
C PRO B 7 16.85 -1.81 -9.30
N LYS B 8 15.55 -2.05 -9.52
CA LYS B 8 14.94 -1.96 -10.85
C LYS B 8 13.49 -1.58 -10.70
N ASP B 9 13.10 -0.47 -11.34
CA ASP B 9 11.72 -0.01 -11.30
C ASP B 9 10.88 -0.63 -12.41
N LEU B 10 11.50 -1.27 -13.40
CA LEU B 10 10.80 -1.88 -14.53
C LEU B 10 11.44 -3.22 -14.87
N TYR B 11 10.61 -4.25 -15.03
CA TYR B 11 11.04 -5.56 -15.49
C TYR B 11 10.38 -5.88 -16.81
N VAL B 12 11.16 -6.45 -17.74
CA VAL B 12 10.65 -6.92 -19.03
C VAL B 12 10.93 -8.42 -19.09
N VAL B 13 9.87 -9.23 -19.03
CA VAL B 13 9.98 -10.68 -18.95
C VAL B 13 9.17 -11.33 -20.06
N GLU B 14 9.57 -12.54 -20.43
CA GLU B 14 8.91 -13.30 -21.47
C GLU B 14 7.83 -14.19 -20.89
N TYR B 15 6.82 -14.48 -21.72
CA TYR B 15 5.71 -15.34 -21.31
C TYR B 15 6.21 -16.73 -20.93
N GLY B 16 5.68 -17.26 -19.82
CA GLY B 16 6.02 -18.59 -19.38
C GLY B 16 7.33 -18.72 -18.64
N SER B 17 8.16 -17.68 -18.65
CA SER B 17 9.46 -17.72 -18.00
C SER B 17 9.32 -17.50 -16.50
N ASN B 18 10.45 -17.51 -15.79
CA ASN B 18 10.50 -17.24 -14.37
C ASN B 18 11.08 -15.84 -14.15
N MET B 19 10.46 -15.09 -13.25
CA MET B 19 10.90 -13.73 -12.94
C MET B 19 11.04 -13.57 -11.44
N THR B 20 12.12 -12.90 -11.03
CA THR B 20 12.36 -12.55 -9.64
C THR B 20 12.49 -11.04 -9.52
N ILE B 21 11.59 -10.42 -8.77
CA ILE B 21 11.60 -8.98 -8.54
C ILE B 21 12.14 -8.70 -7.15
N GLU B 22 12.94 -7.65 -7.03
CA GLU B 22 13.73 -7.38 -5.83
C GLU B 22 13.37 -6.02 -5.27
N CYS B 23 13.04 -6.00 -3.97
CA CYS B 23 13.05 -4.78 -3.18
C CYS B 23 13.92 -4.99 -1.95
N LYS B 24 14.61 -3.93 -1.54
CA LYS B 24 15.64 -4.03 -0.53
C LYS B 24 15.34 -3.10 0.62
N PHE B 25 15.62 -3.59 1.83
CA PHE B 25 15.44 -2.85 3.07
C PHE B 25 16.68 -2.96 3.93
N PRO B 26 16.99 -1.92 4.70
CA PRO B 26 18.21 -1.94 5.50
C PRO B 26 18.10 -2.75 6.79
N VAL B 27 18.99 -3.73 6.95
CA VAL B 27 19.13 -4.50 8.17
C VAL B 27 20.53 -4.26 8.73
N GLU B 28 20.59 -3.81 9.99
CA GLU B 28 21.87 -3.44 10.59
C GLU B 28 22.51 -4.62 11.31
N LYS B 29 21.71 -5.35 12.07
CA LYS B 29 22.23 -6.47 12.85
C LYS B 29 21.63 -7.80 12.42
N GLN B 30 20.46 -8.11 12.94
CA GLN B 30 19.81 -9.42 12.70
C GLN B 30 18.34 -9.12 12.34
N LEU B 31 17.53 -10.17 12.36
CA LEU B 31 16.11 -10.12 12.09
C LEU B 31 15.30 -10.10 13.37
N ASP B 32 14.52 -9.04 13.59
CA ASP B 32 13.39 -9.13 14.50
C ASP B 32 12.28 -9.80 13.69
N LEU B 33 12.40 -11.12 13.54
CA LEU B 33 11.42 -11.86 12.76
C LEU B 33 10.01 -11.71 13.30
N ALA B 34 9.87 -11.38 14.58
CA ALA B 34 8.58 -11.04 15.15
C ALA B 34 8.14 -9.63 14.76
N ALA B 35 9.01 -8.85 14.11
CA ALA B 35 8.67 -7.51 13.68
C ALA B 35 8.77 -7.28 12.18
N LEU B 36 9.28 -8.25 11.41
CA LEU B 36 9.32 -8.10 9.96
C LEU B 36 7.94 -8.36 9.38
N ILE B 37 7.45 -7.42 8.58
CA ILE B 37 6.19 -7.58 7.86
C ILE B 37 6.47 -7.22 6.40
N VAL B 38 6.29 -8.19 5.51
CA VAL B 38 6.53 -8.00 4.08
C VAL B 38 5.21 -8.24 3.35
N TYR B 39 4.78 -7.24 2.57
CA TYR B 39 3.57 -7.34 1.75
C TYR B 39 3.98 -7.18 0.29
N TRP B 40 3.71 -8.20 -0.51
CA TRP B 40 3.89 -8.15 -1.95
C TRP B 40 2.50 -8.06 -2.57
N GLU B 41 2.28 -7.03 -3.39
CA GLU B 41 0.97 -6.79 -3.97
C GLU B 41 1.10 -6.40 -5.43
N MET B 42 -0.01 -6.56 -6.16
CA MET B 42 -0.15 -6.04 -7.52
C MET B 42 -1.57 -5.54 -7.69
N GLU B 43 -1.72 -4.23 -7.91
CA GLU B 43 -3.01 -3.59 -8.20
C GLU B 43 -4.09 -4.04 -7.21
N ASP B 44 -3.88 -3.66 -5.95
CA ASP B 44 -4.80 -3.97 -4.84
C ASP B 44 -5.19 -5.44 -4.81
N LYS B 45 -4.24 -6.32 -5.13
CA LYS B 45 -4.44 -7.76 -5.06
C LYS B 45 -3.24 -8.37 -4.37
N ASN B 46 -3.43 -8.88 -3.16
CA ASN B 46 -2.32 -9.40 -2.38
C ASN B 46 -1.69 -10.61 -3.06
N ILE B 47 -0.36 -10.66 -3.03
CA ILE B 47 0.41 -11.76 -3.58
C ILE B 47 1.05 -12.60 -2.49
N ILE B 48 1.67 -11.95 -1.50
CA ILE B 48 2.39 -12.64 -0.44
C ILE B 48 2.34 -11.77 0.81
N GLN B 49 2.08 -12.41 1.95
CA GLN B 49 2.07 -11.75 3.25
C GLN B 49 3.04 -12.49 4.16
N PHE B 50 4.16 -11.84 4.49
CA PHE B 50 5.18 -12.43 5.36
C PHE B 50 5.07 -11.77 6.73
N VAL B 51 4.42 -12.44 7.67
CA VAL B 51 4.28 -11.95 9.03
C VAL B 51 4.77 -13.02 10.00
N HIS B 52 5.57 -12.60 10.98
CA HIS B 52 6.05 -13.46 12.07
C HIS B 52 6.85 -14.67 11.57
N GLY B 53 7.66 -14.46 10.54
CA GLY B 53 8.58 -15.47 10.07
C GLY B 53 8.11 -16.35 8.93
N GLU B 54 6.81 -16.40 8.65
CA GLU B 54 6.29 -17.27 7.60
C GLU B 54 5.29 -16.51 6.74
N GLU B 55 4.79 -17.17 5.71
CA GLU B 55 3.82 -16.56 4.81
C GLU B 55 2.41 -16.88 5.26
N ASP B 56 1.53 -15.88 5.17
CA ASP B 56 0.10 -16.04 5.43
C ASP B 56 -0.66 -15.79 4.13
N LEU B 57 -0.84 -16.86 3.34
CA LEU B 57 -1.48 -16.76 2.04
C LEU B 57 -3.00 -16.64 2.10
N LYS B 58 -3.55 -16.37 3.29
CA LYS B 58 -4.99 -16.24 3.45
C LYS B 58 -5.71 -15.13 2.68
N VAL B 59 -4.97 -14.15 2.16
CA VAL B 59 -5.54 -13.09 1.34
C VAL B 59 -4.95 -13.08 -0.07
N GLN B 60 -4.12 -14.08 -0.40
CA GLN B 60 -3.52 -14.17 -1.72
C GLN B 60 -4.60 -14.37 -2.78
N HIS B 61 -4.48 -13.63 -3.88
CA HIS B 61 -5.38 -13.79 -5.00
C HIS B 61 -5.20 -15.17 -5.63
N SER B 62 -6.31 -15.71 -6.15
CA SER B 62 -6.27 -17.04 -6.76
C SER B 62 -5.29 -17.10 -7.92
N SER B 63 -5.18 -16.00 -8.69
CA SER B 63 -4.31 -15.95 -9.85
C SER B 63 -2.84 -16.19 -9.52
N TYR B 64 -2.44 -16.07 -8.25
CA TYR B 64 -1.04 -16.22 -7.88
C TYR B 64 -0.73 -17.50 -7.10
N ARG B 65 -1.74 -18.28 -6.73
CA ARG B 65 -1.50 -19.46 -5.92
C ARG B 65 -0.61 -20.46 -6.66
N GLN B 66 0.28 -21.12 -5.91
CA GLN B 66 1.24 -22.11 -6.38
C GLN B 66 2.30 -21.54 -7.30
N ARG B 67 2.33 -20.22 -7.53
CA ARG B 67 3.33 -19.60 -8.38
C ARG B 67 4.20 -18.58 -7.67
N ALA B 68 3.71 -17.97 -6.59
CA ALA B 68 4.43 -16.91 -5.91
C ALA B 68 5.04 -17.46 -4.61
N ARG B 69 6.30 -17.09 -4.36
CA ARG B 69 6.97 -17.46 -3.14
C ARG B 69 8.00 -16.39 -2.80
N LEU B 70 8.12 -16.07 -1.52
CA LEU B 70 9.12 -15.13 -1.05
C LEU B 70 10.39 -15.90 -0.70
N LEU B 71 11.53 -15.42 -1.22
CA LEU B 71 12.82 -16.07 -1.01
C LEU B 71 13.28 -15.76 0.42
N LYS B 72 13.09 -16.73 1.32
CA LYS B 72 13.37 -16.49 2.73
C LYS B 72 14.87 -16.41 2.99
N ASP B 73 15.70 -17.03 2.15
CA ASP B 73 17.14 -17.00 2.36
C ASP B 73 17.73 -15.61 2.10
N GLN B 74 17.16 -14.87 1.15
CA GLN B 74 17.68 -13.55 0.80
C GLN B 74 17.40 -12.50 1.87
N LEU B 75 16.56 -12.81 2.86
CA LEU B 75 16.27 -11.88 3.95
C LEU B 75 17.50 -11.55 4.78
N SER B 76 18.57 -12.35 4.65
CA SER B 76 19.81 -12.11 5.38
C SER B 76 20.27 -10.66 5.25
N LEU B 77 20.57 -10.21 4.03
CA LEU B 77 21.12 -8.88 3.80
C LEU B 77 20.07 -7.88 3.34
N GLY B 78 18.82 -8.05 3.78
CA GLY B 78 17.79 -7.08 3.44
C GLY B 78 17.29 -7.16 2.02
N ASN B 79 17.11 -8.38 1.49
CA ASN B 79 16.61 -8.56 0.13
C ASN B 79 15.30 -9.34 0.18
N ALA B 80 14.18 -8.62 0.09
CA ALA B 80 12.86 -9.23 -0.03
C ALA B 80 12.61 -9.49 -1.52
N ALA B 81 12.92 -10.71 -1.96
CA ALA B 81 12.90 -11.06 -3.37
C ALA B 81 11.70 -11.98 -3.65
N LEU B 82 10.83 -11.54 -4.56
CA LEU B 82 9.63 -12.29 -4.92
C LEU B 82 9.85 -12.97 -6.26
N GLN B 83 9.53 -14.25 -6.34
CA GLN B 83 9.67 -15.04 -7.55
C GLN B 83 8.30 -15.48 -8.02
N ILE B 84 8.01 -15.28 -9.30
CA ILE B 84 6.76 -15.71 -9.93
C ILE B 84 7.10 -16.78 -10.97
N THR B 85 6.47 -17.93 -10.84
CA THR B 85 6.59 -18.99 -11.84
C THR B 85 5.44 -18.87 -12.82
N ASP B 86 5.71 -19.16 -14.08
CA ASP B 86 4.74 -19.01 -15.16
C ASP B 86 4.20 -17.58 -15.21
N VAL B 87 5.10 -16.63 -15.50
CA VAL B 87 4.65 -15.27 -15.76
C VAL B 87 3.61 -15.30 -16.88
N LYS B 88 2.46 -14.71 -16.62
CA LYS B 88 1.39 -14.66 -17.60
C LYS B 88 1.09 -13.21 -17.95
N LEU B 89 0.33 -13.04 -19.04
CA LEU B 89 -0.02 -11.70 -19.49
C LEU B 89 -0.79 -10.95 -18.43
N GLN B 90 -1.55 -11.65 -17.60
CA GLN B 90 -2.30 -11.02 -16.52
C GLN B 90 -1.41 -10.63 -15.35
N ASP B 91 -0.17 -11.11 -15.30
CA ASP B 91 0.78 -10.73 -14.27
C ASP B 91 1.47 -9.40 -14.58
N ALA B 92 1.06 -8.71 -15.63
CA ALA B 92 1.60 -7.40 -15.97
C ALA B 92 0.82 -6.31 -15.25
N GLY B 93 1.56 -5.33 -14.74
CA GLY B 93 0.96 -4.24 -14.01
C GLY B 93 1.95 -3.67 -13.01
N VAL B 94 1.40 -2.94 -12.04
CA VAL B 94 2.19 -2.25 -11.03
C VAL B 94 2.20 -3.10 -9.76
N TYR B 95 3.39 -3.56 -9.37
CA TYR B 95 3.58 -4.31 -8.15
C TYR B 95 4.01 -3.37 -7.04
N ARG B 96 3.70 -3.77 -5.80
CA ARG B 96 4.02 -2.96 -4.63
C ARG B 96 4.67 -3.85 -3.57
N CYS B 97 5.87 -3.47 -3.15
CA CYS B 97 6.58 -4.13 -2.06
C CYS B 97 6.48 -3.26 -0.82
N MET B 98 5.87 -3.78 0.24
CA MET B 98 5.68 -3.06 1.49
C MET B 98 6.38 -3.82 2.60
N ILE B 99 7.31 -3.15 3.28
CA ILE B 99 8.13 -3.76 4.32
C ILE B 99 8.03 -2.90 5.58
N SER B 100 7.87 -3.55 6.73
CA SER B 100 7.92 -2.89 8.02
C SER B 100 8.92 -3.63 8.88
N TYR B 101 10.09 -3.01 9.06
CA TYR B 101 11.14 -3.58 9.90
C TYR B 101 11.89 -2.44 10.52
N GLY B 102 11.41 -1.94 11.65
CA GLY B 102 12.03 -0.78 12.24
C GLY B 102 11.72 0.44 11.41
N GLY B 103 10.44 0.63 11.12
CA GLY B 103 9.92 1.68 10.28
C GLY B 103 9.02 1.09 9.23
N ALA B 104 8.66 1.89 8.24
CA ALA B 104 7.79 1.41 7.18
C ALA B 104 8.03 2.20 5.91
N ASP B 105 8.07 1.50 4.78
CA ASP B 105 8.18 2.13 3.47
C ASP B 105 7.68 1.15 2.42
N TYR B 106 7.42 1.68 1.23
CA TYR B 106 6.98 0.86 0.11
C TYR B 106 7.45 1.49 -1.19
N LYS B 107 7.63 0.64 -2.20
CA LYS B 107 8.03 1.08 -3.53
C LYS B 107 7.28 0.25 -4.57
N ARG B 108 7.06 0.86 -5.73
CA ARG B 108 6.30 0.22 -6.81
C ARG B 108 7.24 -0.23 -7.93
N ILE B 109 6.90 -1.37 -8.54
CA ILE B 109 7.65 -1.93 -9.65
C ILE B 109 6.68 -2.27 -10.77
N THR B 110 7.07 -2.00 -12.01
CA THR B 110 6.24 -2.25 -13.17
C THR B 110 6.79 -3.43 -13.96
N VAL B 111 5.92 -4.39 -14.30
CA VAL B 111 6.30 -5.58 -15.04
C VAL B 111 5.62 -5.54 -16.41
N LYS B 112 6.41 -5.69 -17.46
CA LYS B 112 5.91 -5.82 -18.82
C LYS B 112 6.12 -7.25 -19.30
N VAL B 113 5.12 -7.81 -19.97
CA VAL B 113 5.12 -9.22 -20.37
C VAL B 113 4.98 -9.29 -21.88
N ASN B 114 6.06 -9.70 -22.56
CA ASN B 114 5.99 -10.04 -23.97
C ASN B 114 5.51 -11.48 -24.12
N ALA B 115 4.80 -11.73 -25.22
CA ALA B 115 4.20 -13.04 -25.43
C ALA B 115 4.01 -13.26 -26.92
N PRO B 116 4.06 -14.50 -27.39
CA PRO B 116 3.76 -14.77 -28.80
C PRO B 116 2.28 -14.58 -29.09
N TYR B 117 1.94 -14.68 -30.38
CA TYR B 117 0.56 -14.44 -30.80
C TYR B 117 -0.41 -15.44 -30.17
N ALA B 118 -0.03 -16.71 -30.10
CA ALA B 118 -0.93 -17.74 -29.60
C ALA B 118 -1.37 -17.43 -28.17
N ALA B 119 -0.42 -17.17 -27.27
CA ALA B 119 -0.78 -16.86 -25.89
C ALA B 119 -1.55 -15.55 -25.79
N ALA B 120 -1.22 -14.58 -26.65
CA ALA B 120 -1.87 -13.28 -26.56
C ALA B 120 -3.31 -13.35 -27.08
N LEU B 121 -3.53 -14.00 -28.23
CA LEU B 121 -4.89 -14.17 -28.73
C LEU B 121 -5.73 -14.96 -27.73
N GLU B 122 -5.14 -15.96 -27.10
CA GLU B 122 -5.86 -16.73 -26.09
C GLU B 122 -6.19 -15.85 -24.88
N HIS B 123 -5.26 -14.99 -24.49
CA HIS B 123 -5.52 -14.03 -23.41
C HIS B 123 -6.50 -12.94 -23.86
N HIS B 124 -6.49 -12.59 -25.15
CA HIS B 124 -7.38 -11.54 -25.63
C HIS B 124 -8.85 -11.96 -25.53
N HIS B 125 -9.11 -13.26 -25.57
CA HIS B 125 -10.42 -13.80 -25.24
C HIS B 125 -10.38 -14.37 -23.83
N HIS B 126 -11.55 -14.63 -23.27
CA HIS B 126 -11.65 -15.28 -21.96
C HIS B 126 -10.85 -14.55 -20.88
#